data_1QRD
#
_entry.id   1QRD
#
_cell.length_a   72.000
_cell.length_b   107.000
_cell.length_c   88.400
_cell.angle_alpha   90.00
_cell.angle_beta   92.60
_cell.angle_gamma   90.00
#
_symmetry.space_group_name_H-M   'I 1 2 1'
#
loop_
_entity.id
_entity.type
_entity.pdbx_description
1 polymer QUINONE-REDUCTASE
2 non-polymer 'FLAVIN-ADENINE DINUCLEOTIDE'
3 non-polymer 'CIBACRON BLUE'
4 non-polymer DUROQUINONE
5 water water
#
_entity_poly.entity_id   1
_entity_poly.type   'polypeptide(L)'
_entity_poly.pdbx_seq_one_letter_code
;AVRRALIVLAHAERTSFNYAMKEAAVEALKKKGWEVVESDLYAMNFNPLISRNDITGEPKDSENFQYPVESSLAYKEGRL
SPDIVAEQKKLEAADLVIFQFPLYWFGVPAILKGWFERVLVAGFAYTYATMYDKGPFQNKKTLLSITTGGSGSMYSLQGV
HGDMNVILWPIQSGILRFCGFQVLEPQLVYSIGHTPPDARVQVLEGWKKRLETVWEESPLYFAPSSLFDLNFQAGFLLKK
EVQEEQKKNKFGLSVGHHLGKSIPADNQIKARK
;
_entity_poly.pdbx_strand_id   A,B
#
loop_
_chem_comp.id
_chem_comp.type
_chem_comp.name
_chem_comp.formula
CBD non-polymer 'CIBACRON BLUE' 'C29 H20 Cl N7 O11 S3'
DQN non-polymer DUROQUINONE 'C10 H12 O2'
FAD non-polymer 'FLAVIN-ADENINE DINUCLEOTIDE' 'C27 H33 N9 O15 P2'
#
# COMPACT_ATOMS: atom_id res chain seq x y z
N ALA A 1 -12.72 22.31 10.48
CA ALA A 1 -12.73 22.20 9.03
C ALA A 1 -11.92 20.93 8.89
N VAL A 2 -11.07 20.73 7.89
CA VAL A 2 -10.33 19.50 7.70
C VAL A 2 -8.84 19.92 7.60
N ARG A 3 -8.30 20.93 8.33
CA ARG A 3 -6.94 21.37 7.98
C ARG A 3 -5.65 21.42 8.82
N ARG A 4 -5.65 20.99 10.09
CA ARG A 4 -4.42 20.99 10.88
C ARG A 4 -4.26 19.61 11.45
N ALA A 5 -3.10 18.99 11.46
CA ALA A 5 -2.88 17.69 12.05
C ALA A 5 -1.73 17.77 13.07
N LEU A 6 -1.83 17.11 14.24
CA LEU A 6 -0.75 16.94 15.22
C LEU A 6 -0.33 15.48 15.19
N ILE A 7 0.96 15.09 15.07
CA ILE A 7 1.37 13.69 15.07
C ILE A 7 2.25 13.56 16.30
N VAL A 8 1.89 12.66 17.21
CA VAL A 8 2.62 12.44 18.41
C VAL A 8 3.41 11.13 18.31
N LEU A 9 4.75 11.07 18.42
CA LEU A 9 5.53 9.84 18.27
C LEU A 9 6.20 9.47 19.59
N ALA A 10 6.24 8.15 19.85
CA ALA A 10 6.96 7.63 21.00
C ALA A 10 8.02 6.58 20.69
N HIS A 11 9.17 6.95 20.10
CA HIS A 11 10.29 6.02 19.85
C HIS A 11 11.57 6.85 19.81
N ALA A 12 12.59 6.35 20.45
CA ALA A 12 13.91 6.95 20.50
C ALA A 12 14.75 6.85 19.28
N GLU A 13 14.75 5.72 18.61
CA GLU A 13 15.63 5.46 17.49
C GLU A 13 15.06 6.02 16.23
N ARG A 14 15.85 6.73 15.45
CA ARG A 14 15.37 7.27 14.23
C ARG A 14 15.54 6.19 13.20
N THR A 15 16.16 5.05 13.44
CA THR A 15 16.18 4.02 12.42
C THR A 15 14.93 3.11 12.56
N SER A 16 13.94 3.45 13.44
CA SER A 16 12.82 2.54 13.66
C SER A 16 11.73 2.55 12.57
N PHE A 17 10.95 1.46 12.40
CA PHE A 17 9.84 1.51 11.46
C PHE A 17 8.81 2.48 11.97
N ASN A 18 8.67 2.58 13.31
CA ASN A 18 7.82 3.65 13.88
C ASN A 18 8.22 5.06 13.43
N TYR A 19 9.52 5.42 13.40
CA TYR A 19 9.93 6.71 12.86
C TYR A 19 9.52 6.85 11.40
N ALA A 20 9.71 5.75 10.65
CA ALA A 20 9.40 5.68 9.20
C ALA A 20 7.90 5.86 8.90
N MET A 21 7.02 5.27 9.75
CA MET A 21 5.58 5.50 9.64
C MET A 21 5.23 6.96 9.87
N LYS A 22 5.86 7.64 10.82
CA LYS A 22 5.70 9.08 11.07
C LYS A 22 6.00 9.98 9.84
N GLU A 23 7.16 9.77 9.26
CA GLU A 23 7.64 10.40 8.02
C GLU A 23 6.68 10.16 6.85
N ALA A 24 6.17 8.94 6.65
CA ALA A 24 5.20 8.71 5.56
C ALA A 24 3.94 9.55 5.73
N ALA A 25 3.47 9.72 6.96
CA ALA A 25 2.23 10.45 7.27
C ALA A 25 2.35 11.96 7.11
N VAL A 26 3.51 12.58 7.42
CA VAL A 26 3.73 14.03 7.25
C VAL A 26 3.64 14.30 5.74
N GLU A 27 4.31 13.46 4.91
CA GLU A 27 4.32 13.51 3.47
C GLU A 27 2.96 13.35 2.86
N ALA A 28 2.20 12.27 3.10
CA ALA A 28 0.84 12.21 2.53
C ALA A 28 -0.07 13.43 2.82
N LEU A 29 -0.09 13.92 4.06
CA LEU A 29 -0.94 15.01 4.49
C LEU A 29 -0.48 16.39 4.04
N LYS A 30 0.83 16.57 3.89
CA LYS A 30 1.34 17.80 3.26
C LYS A 30 0.97 17.78 1.78
N LYS A 31 0.98 16.63 1.10
CA LYS A 31 0.50 16.62 -0.27
C LYS A 31 -0.96 16.94 -0.43
N LYS A 32 -1.85 16.79 0.56
CA LYS A 32 -3.22 17.21 0.35
C LYS A 32 -3.45 18.62 0.88
N GLY A 33 -2.44 19.38 1.28
CA GLY A 33 -2.64 20.76 1.71
C GLY A 33 -2.87 20.94 3.20
N TRP A 34 -2.60 19.92 4.03
CA TRP A 34 -2.75 20.08 5.47
C TRP A 34 -1.56 20.81 6.08
N GLU A 35 -1.83 21.62 7.11
CA GLU A 35 -0.73 22.02 7.98
C GLU A 35 -0.42 20.89 9.00
N VAL A 36 0.81 20.46 9.18
CA VAL A 36 1.16 19.38 10.11
C VAL A 36 2.13 19.85 11.24
N VAL A 37 1.96 19.44 12.50
CA VAL A 37 2.80 19.80 13.62
C VAL A 37 3.20 18.46 14.25
N GLU A 38 4.36 18.38 14.92
CA GLU A 38 4.88 17.15 15.52
C GLU A 38 5.12 17.25 17.00
N SER A 39 5.00 16.15 17.75
CA SER A 39 5.38 16.13 19.15
C SER A 39 6.18 14.88 19.27
N ASP A 40 7.41 14.92 18.82
CA ASP A 40 8.32 13.80 18.97
C ASP A 40 8.93 13.79 20.38
N LEU A 41 8.32 13.01 21.26
CA LEU A 41 8.52 13.11 22.69
C LEU A 41 9.91 12.85 23.22
N TYR A 42 10.58 11.76 22.85
CA TYR A 42 12.01 11.60 23.14
C TYR A 42 12.89 12.73 22.51
N ALA A 43 12.77 13.22 21.28
CA ALA A 43 13.63 14.29 20.81
C ALA A 43 13.34 15.58 21.59
N MET A 44 12.18 15.70 22.23
CA MET A 44 11.88 16.88 22.98
C MET A 44 12.35 16.70 24.41
N ASN A 45 12.99 15.62 24.91
CA ASN A 45 13.25 15.47 26.36
C ASN A 45 11.96 15.67 27.25
N PHE A 46 10.83 15.05 26.85
CA PHE A 46 9.61 15.33 27.57
C PHE A 46 9.63 14.63 28.91
N ASN A 47 9.36 15.41 29.93
CA ASN A 47 9.22 14.89 31.30
C ASN A 47 7.83 14.19 31.47
N PRO A 48 7.86 12.88 31.72
CA PRO A 48 6.66 12.05 31.85
C PRO A 48 5.99 11.98 33.25
N LEU A 49 6.52 12.70 34.26
CA LEU A 49 6.11 12.55 35.66
C LEU A 49 5.31 13.72 36.20
N ILE A 50 4.10 13.39 36.64
CA ILE A 50 3.11 14.29 37.24
C ILE A 50 3.64 14.61 38.65
N SER A 51 3.52 15.82 39.18
CA SER A 51 3.95 16.18 40.55
C SER A 51 3.51 17.62 40.81
N ARG A 52 3.56 18.07 42.07
CA ARG A 52 3.23 19.45 42.46
C ARG A 52 4.07 20.46 41.70
N ASN A 53 5.27 20.13 41.24
CA ASN A 53 6.03 21.03 40.37
C ASN A 53 5.42 21.33 38.99
N ASP A 54 4.25 20.86 38.57
CA ASP A 54 3.67 21.26 37.30
C ASP A 54 2.92 22.58 37.44
N ILE A 55 2.80 23.07 38.68
CA ILE A 55 2.08 24.28 39.06
C ILE A 55 3.09 25.38 39.40
N THR A 56 2.73 26.62 39.18
CA THR A 56 3.48 27.81 39.52
C THR A 56 2.76 28.56 40.66
N GLY A 57 3.57 29.26 41.46
CA GLY A 57 3.04 30.07 42.55
C GLY A 57 2.51 29.34 43.79
N GLU A 58 1.25 29.58 44.08
CA GLU A 58 0.69 29.13 45.34
C GLU A 58 -0.26 27.98 45.15
N PRO A 59 -0.05 26.79 45.70
CA PRO A 59 -1.09 25.75 45.82
C PRO A 59 -2.20 26.22 46.75
N LYS A 60 -3.44 26.02 46.34
CA LYS A 60 -4.59 26.25 47.20
C LYS A 60 -4.45 25.49 48.52
N ASP A 61 -3.76 24.34 48.61
CA ASP A 61 -3.66 23.63 49.89
C ASP A 61 -2.46 22.74 49.88
N SER A 62 -1.27 23.13 50.30
CA SER A 62 -0.17 22.18 50.33
C SER A 62 -0.30 21.09 51.36
N GLU A 63 -1.17 21.15 52.35
CA GLU A 63 -1.24 20.07 53.35
C GLU A 63 -1.73 18.81 52.70
N ASN A 64 -2.85 18.93 52.00
CA ASN A 64 -3.49 17.80 51.35
C ASN A 64 -3.55 18.22 49.91
N PHE A 65 -2.37 18.14 49.27
CA PHE A 65 -2.16 18.52 47.87
C PHE A 65 -2.85 17.41 47.04
N GLN A 66 -3.80 17.74 46.16
CA GLN A 66 -4.55 16.77 45.38
C GLN A 66 -4.48 17.19 43.94
N TYR A 67 -3.80 16.43 43.07
CA TYR A 67 -3.61 16.87 41.68
C TYR A 67 -4.83 17.29 40.86
N PRO A 68 -6.07 16.76 40.86
CA PRO A 68 -7.12 17.20 39.93
C PRO A 68 -7.63 18.60 40.26
N VAL A 69 -7.74 18.88 41.58
CA VAL A 69 -8.17 20.19 42.06
C VAL A 69 -7.16 21.25 41.66
N GLU A 70 -5.93 20.96 42.05
CA GLU A 70 -4.84 21.92 41.93
C GLU A 70 -4.54 22.30 40.51
N SER A 71 -4.55 21.28 39.62
CA SER A 71 -4.20 21.64 38.26
C SER A 71 -5.32 22.24 37.45
N SER A 72 -6.63 22.06 37.75
CA SER A 72 -7.63 22.81 37.00
C SER A 72 -7.60 24.28 37.39
N LEU A 73 -7.30 24.54 38.68
CA LEU A 73 -7.16 25.88 39.25
C LEU A 73 -6.02 26.57 38.55
N ALA A 74 -4.85 25.95 38.63
CA ALA A 74 -3.70 26.49 37.95
C ALA A 74 -4.00 26.71 36.46
N TYR A 75 -4.73 25.81 35.78
CA TYR A 75 -5.16 26.03 34.41
C TYR A 75 -6.08 27.27 34.30
N LYS A 76 -7.15 27.47 35.08
CA LYS A 76 -7.94 28.71 35.09
C LYS A 76 -7.10 29.97 35.31
N GLU A 77 -6.14 29.88 36.21
CA GLU A 77 -5.33 31.02 36.59
C GLU A 77 -4.05 31.20 35.79
N GLY A 78 -3.71 30.35 34.82
CA GLY A 78 -2.51 30.56 34.01
C GLY A 78 -1.19 30.25 34.75
N ARG A 79 -1.22 29.29 35.67
CA ARG A 79 -0.09 28.93 36.49
C ARG A 79 0.53 27.57 36.14
N LEU A 80 0.29 27.03 34.96
CA LEU A 80 0.83 25.74 34.63
C LEU A 80 2.25 25.84 34.04
N SER A 81 3.07 24.82 34.18
CA SER A 81 4.40 24.84 33.60
C SER A 81 4.48 25.11 32.07
N PRO A 82 5.53 25.72 31.48
CA PRO A 82 5.63 26.05 30.06
C PRO A 82 5.70 24.87 29.14
N ASP A 83 6.28 23.72 29.47
CA ASP A 83 6.17 22.60 28.58
C ASP A 83 4.71 22.08 28.49
N ILE A 84 3.87 22.16 29.58
CA ILE A 84 2.48 21.73 29.46
C ILE A 84 1.66 22.69 28.57
N VAL A 85 1.87 24.00 28.70
CA VAL A 85 1.14 24.97 27.90
C VAL A 85 1.40 24.86 26.40
N ALA A 86 2.66 24.67 25.97
CA ALA A 86 3.07 24.56 24.58
C ALA A 86 2.34 23.35 23.98
N GLU A 87 2.18 22.25 24.71
CA GLU A 87 1.41 21.11 24.19
C GLU A 87 -0.09 21.33 24.12
N GLN A 88 -0.66 21.99 25.13
CA GLN A 88 -2.08 22.31 25.12
C GLN A 88 -2.44 23.19 23.91
N LYS A 89 -1.59 24.14 23.55
CA LYS A 89 -1.77 24.99 22.37
C LYS A 89 -1.75 24.23 21.01
N LYS A 90 -0.80 23.29 20.82
CA LYS A 90 -0.79 22.42 19.65
C LYS A 90 -2.13 21.66 19.46
N LEU A 91 -2.57 21.05 20.57
CA LEU A 91 -3.75 20.20 20.64
C LEU A 91 -4.98 21.03 20.27
N GLU A 92 -5.16 22.15 20.96
CA GLU A 92 -6.23 23.04 20.63
C GLU A 92 -6.30 23.53 19.18
N ALA A 93 -5.18 23.65 18.45
CA ALA A 93 -5.31 24.10 17.06
C ALA A 93 -5.52 22.94 16.05
N ALA A 94 -5.24 21.69 16.41
CA ALA A 94 -5.37 20.57 15.51
C ALA A 94 -6.78 20.09 15.24
N ASP A 95 -7.09 19.76 13.98
CA ASP A 95 -8.34 19.06 13.64
C ASP A 95 -8.14 17.54 13.79
N LEU A 96 -6.97 16.97 13.54
CA LEU A 96 -6.82 15.53 13.59
C LEU A 96 -5.60 15.26 14.43
N VAL A 97 -5.55 14.21 15.26
CA VAL A 97 -4.38 13.89 16.06
C VAL A 97 -4.05 12.41 15.88
N ILE A 98 -2.86 12.05 15.48
CA ILE A 98 -2.43 10.66 15.28
C ILE A 98 -1.45 10.21 16.34
N PHE A 99 -1.58 9.06 17.02
CA PHE A 99 -0.56 8.66 17.98
C PHE A 99 0.21 7.48 17.38
N GLN A 100 1.55 7.51 17.30
CA GLN A 100 2.34 6.47 16.64
C GLN A 100 3.19 5.77 17.71
N PHE A 101 3.05 4.48 18.00
CA PHE A 101 3.84 3.91 19.05
C PHE A 101 3.94 2.40 18.86
N PRO A 102 5.04 1.74 19.29
CA PRO A 102 5.15 0.28 19.39
C PRO A 102 4.31 -0.21 20.56
N LEU A 103 3.80 -1.47 20.56
CA LEU A 103 3.00 -1.99 21.67
C LEU A 103 3.98 -2.42 22.75
N TYR A 104 4.00 -1.85 23.96
CA TYR A 104 4.87 -2.36 25.02
C TYR A 104 4.00 -2.86 26.16
N TRP A 105 4.15 -4.11 26.62
CA TRP A 105 3.39 -4.74 27.70
C TRP A 105 1.88 -4.45 27.72
N PHE A 106 1.37 -4.67 26.50
CA PHE A 106 -0.03 -4.57 26.13
C PHE A 106 -0.64 -3.21 26.38
N GLY A 107 0.15 -2.16 26.19
CA GLY A 107 -0.31 -0.77 26.31
C GLY A 107 0.69 0.13 25.61
N VAL A 108 0.53 1.41 25.90
CA VAL A 108 1.23 2.54 25.32
C VAL A 108 2.62 2.72 26.00
N PRO A 109 3.78 3.16 25.45
CA PRO A 109 5.03 3.41 26.23
C PRO A 109 4.89 4.37 27.42
N ALA A 110 5.74 4.31 28.42
CA ALA A 110 5.67 5.19 29.61
C ALA A 110 5.75 6.63 29.19
N ILE A 111 6.53 6.97 28.16
CA ILE A 111 6.53 8.38 27.80
C ILE A 111 5.20 8.92 27.22
N LEU A 112 4.42 8.12 26.46
CA LEU A 112 3.08 8.55 25.95
C LEU A 112 2.06 8.50 27.14
N LYS A 113 2.13 7.49 28.03
CA LYS A 113 1.30 7.45 29.25
C LYS A 113 1.48 8.74 30.06
N GLY A 114 2.73 9.23 30.39
CA GLY A 114 3.01 10.50 31.06
C GLY A 114 2.50 11.73 30.33
N TRP A 115 2.42 11.73 28.99
CA TRP A 115 1.91 12.90 28.29
C TRP A 115 0.40 13.04 28.50
N PHE A 116 -0.33 11.90 28.59
CA PHE A 116 -1.77 11.89 28.84
C PHE A 116 -1.99 12.40 30.27
N GLU A 117 -1.29 11.84 31.24
CA GLU A 117 -1.40 12.31 32.63
C GLU A 117 -1.08 13.81 32.83
N ARG A 118 -0.05 14.44 32.22
CA ARG A 118 0.23 15.88 32.39
C ARG A 118 -0.46 16.82 31.39
N VAL A 119 -0.91 16.42 30.16
CA VAL A 119 -1.46 17.48 29.29
C VAL A 119 -3.00 17.57 29.35
N LEU A 120 -3.64 16.45 29.72
CA LEU A 120 -5.11 16.39 29.69
C LEU A 120 -5.61 16.66 31.11
N VAL A 121 -5.59 17.96 31.36
CA VAL A 121 -5.93 18.59 32.61
C VAL A 121 -7.43 18.82 32.76
N ALA A 122 -7.93 18.53 33.94
CA ALA A 122 -9.28 18.83 34.40
C ALA A 122 -9.66 20.23 33.97
N GLY A 123 -10.81 20.47 33.40
CA GLY A 123 -11.22 21.76 32.91
C GLY A 123 -10.71 22.08 31.51
N PHE A 124 -9.53 21.57 31.09
CA PHE A 124 -9.04 21.79 29.73
C PHE A 124 -9.62 20.61 28.90
N ALA A 125 -9.38 19.37 29.33
CA ALA A 125 -9.67 18.18 28.57
C ALA A 125 -10.99 17.44 28.91
N TYR A 126 -11.45 17.60 30.17
CA TYR A 126 -12.67 16.99 30.68
C TYR A 126 -13.20 17.77 31.88
N THR A 127 -14.40 17.31 32.23
CA THR A 127 -15.22 17.80 33.34
C THR A 127 -15.99 16.53 33.73
N TYR A 128 -16.26 16.25 35.01
CA TYR A 128 -17.02 15.08 35.38
C TYR A 128 -18.53 15.28 35.15
N ALA A 129 -18.93 16.45 34.67
CA ALA A 129 -20.28 16.68 34.21
C ALA A 129 -20.42 16.79 32.67
N THR A 130 -19.37 16.56 31.87
CA THR A 130 -19.50 16.57 30.42
C THR A 130 -18.72 15.36 29.85
N MET A 131 -18.75 14.20 30.50
CA MET A 131 -17.89 13.10 30.06
C MET A 131 -18.37 12.52 28.72
N TYR A 132 -17.46 11.82 28.06
CA TYR A 132 -17.70 11.09 26.82
C TYR A 132 -18.21 11.89 25.67
N ASP A 133 -19.42 11.78 25.08
CA ASP A 133 -19.67 12.53 23.86
C ASP A 133 -19.99 13.98 24.05
N LYS A 134 -20.13 14.39 25.30
CA LYS A 134 -20.29 15.79 25.58
C LYS A 134 -18.98 16.50 25.85
N GLY A 135 -17.83 15.85 25.67
CA GLY A 135 -16.55 16.44 26.00
C GLY A 135 -16.08 17.61 25.13
N PRO A 136 -15.10 18.42 25.61
CA PRO A 136 -14.58 19.57 24.89
C PRO A 136 -14.03 19.15 23.52
N PHE A 137 -13.51 17.95 23.31
CA PHE A 137 -12.93 17.63 22.01
C PHE A 137 -13.89 17.05 20.97
N GLN A 138 -15.20 17.32 21.08
CA GLN A 138 -16.17 16.81 20.12
C GLN A 138 -16.00 17.14 18.62
N ASN A 139 -15.27 18.18 18.20
CA ASN A 139 -15.12 18.42 16.77
C ASN A 139 -13.78 17.92 16.21
N LYS A 140 -13.08 17.06 16.93
CA LYS A 140 -11.77 16.62 16.52
C LYS A 140 -11.88 15.14 16.28
N LYS A 141 -10.93 14.59 15.50
CA LYS A 141 -10.87 13.17 15.14
C LYS A 141 -9.53 12.58 15.54
N THR A 142 -9.37 11.32 15.89
CA THR A 142 -8.12 10.78 16.32
C THR A 142 -8.00 9.28 15.94
N LEU A 143 -6.76 8.74 15.89
CA LEU A 143 -6.53 7.34 15.61
C LEU A 143 -5.18 6.92 16.18
N LEU A 144 -5.08 5.67 16.69
CA LEU A 144 -3.86 5.02 17.10
C LEU A 144 -3.19 4.23 15.95
N SER A 145 -1.84 4.24 15.77
CA SER A 145 -1.07 3.58 14.73
C SER A 145 -0.06 2.83 15.55
N ILE A 146 -0.08 1.49 15.56
CA ILE A 146 0.59 0.56 16.49
C ILE A 146 1.38 -0.55 15.77
N THR A 147 2.61 -0.86 16.18
CA THR A 147 3.37 -1.93 15.57
C THR A 147 3.48 -2.92 16.69
N THR A 148 3.77 -4.16 16.34
CA THR A 148 3.77 -5.29 17.28
C THR A 148 4.89 -6.28 16.95
N GLY A 149 5.50 -6.90 17.97
CA GLY A 149 6.38 -8.07 17.81
C GLY A 149 5.58 -9.39 17.45
N GLY A 150 4.40 -9.60 18.09
CA GLY A 150 3.59 -10.80 17.88
C GLY A 150 2.74 -10.85 16.63
N SER A 151 2.35 -12.04 16.15
CA SER A 151 1.55 -12.07 14.92
C SER A 151 0.07 -11.85 15.20
N GLY A 152 -0.61 -11.51 14.10
CA GLY A 152 -2.04 -11.33 14.06
C GLY A 152 -2.76 -12.57 14.55
N SER A 153 -2.36 -13.85 14.41
CA SER A 153 -3.18 -14.92 14.92
C SER A 153 -3.00 -15.09 16.45
N MET A 154 -1.85 -14.69 17.04
CA MET A 154 -1.72 -14.69 18.51
C MET A 154 -2.74 -13.77 19.23
N TYR A 155 -3.26 -12.74 18.57
CA TYR A 155 -4.16 -11.77 19.13
C TYR A 155 -5.58 -11.90 18.57
N SER A 156 -5.96 -13.09 18.12
CA SER A 156 -7.30 -13.30 17.65
C SER A 156 -8.10 -14.01 18.79
N LEU A 157 -9.41 -14.27 18.63
CA LEU A 157 -10.24 -14.84 19.68
C LEU A 157 -9.69 -16.13 20.23
N GLN A 158 -9.09 -16.96 19.37
CA GLN A 158 -8.48 -18.23 19.76
C GLN A 158 -6.96 -18.25 19.91
N GLY A 159 -6.17 -17.18 19.83
CA GLY A 159 -4.72 -17.29 19.99
C GLY A 159 -4.28 -17.16 21.44
N VAL A 160 -3.05 -17.63 21.75
CA VAL A 160 -2.44 -17.47 23.08
C VAL A 160 -2.66 -16.13 23.76
N HIS A 161 -2.53 -14.95 23.14
CA HIS A 161 -2.67 -13.71 23.91
C HIS A 161 -4.12 -13.32 24.10
N GLY A 162 -5.10 -13.82 23.31
CA GLY A 162 -6.46 -13.41 23.50
C GLY A 162 -6.76 -12.25 22.60
N ASP A 163 -7.98 -11.74 22.65
CA ASP A 163 -8.49 -10.71 21.76
C ASP A 163 -7.94 -9.28 21.72
N MET A 164 -7.36 -8.78 20.63
CA MET A 164 -6.92 -7.38 20.50
C MET A 164 -7.97 -6.35 20.83
N ASN A 165 -9.25 -6.54 20.59
CA ASN A 165 -10.27 -5.51 20.87
C ASN A 165 -10.35 -5.31 22.39
N VAL A 166 -9.96 -6.29 23.20
CA VAL A 166 -9.99 -6.06 24.65
C VAL A 166 -8.78 -5.22 25.15
N ILE A 167 -7.61 -5.35 24.47
CA ILE A 167 -6.38 -4.58 24.74
C ILE A 167 -6.56 -3.09 24.40
N LEU A 168 -7.33 -2.81 23.33
CA LEU A 168 -7.51 -1.44 22.87
C LEU A 168 -8.55 -0.54 23.59
N TRP A 169 -9.59 -1.16 24.16
CA TRP A 169 -10.70 -0.51 24.90
C TRP A 169 -10.27 0.46 26.05
N PRO A 170 -9.43 0.14 27.04
CA PRO A 170 -8.95 1.06 28.05
C PRO A 170 -8.40 2.36 27.44
N ILE A 171 -7.67 2.31 26.27
CA ILE A 171 -7.17 3.52 25.64
C ILE A 171 -8.22 4.22 24.85
N GLN A 172 -8.89 3.56 23.91
CA GLN A 172 -9.83 4.26 23.02
C GLN A 172 -11.11 4.79 23.65
N SER A 173 -11.62 4.13 24.70
CA SER A 173 -12.77 4.61 25.41
C SER A 173 -12.37 5.52 26.64
N GLY A 174 -11.58 4.92 27.54
CA GLY A 174 -11.15 5.48 28.80
C GLY A 174 -10.36 6.78 28.68
N ILE A 175 -9.56 7.01 27.63
CA ILE A 175 -8.84 8.28 27.50
C ILE A 175 -9.44 9.14 26.37
N LEU A 176 -9.50 8.56 25.15
CA LEU A 176 -9.88 9.36 23.98
C LEU A 176 -11.37 9.69 23.84
N ARG A 177 -12.26 8.71 23.92
CA ARG A 177 -13.68 9.03 23.81
C ARG A 177 -14.07 9.79 25.07
N PHE A 178 -13.54 9.45 26.26
CA PHE A 178 -13.75 10.25 27.44
C PHE A 178 -13.68 11.76 27.22
N CYS A 179 -12.71 12.28 26.47
CA CYS A 179 -12.59 13.72 26.29
C CYS A 179 -13.41 14.26 25.11
N GLY A 180 -14.21 13.38 24.49
CA GLY A 180 -15.13 13.73 23.43
C GLY A 180 -14.63 13.45 22.01
N PHE A 181 -13.45 12.87 21.78
CA PHE A 181 -12.96 12.70 20.43
C PHE A 181 -13.83 11.74 19.64
N GLN A 182 -13.84 12.02 18.33
CA GLN A 182 -14.36 11.04 17.38
C GLN A 182 -13.20 10.08 17.09
N VAL A 183 -13.28 8.83 17.56
CA VAL A 183 -12.22 7.85 17.38
C VAL A 183 -12.39 7.02 16.10
N LEU A 184 -11.36 6.96 15.22
CA LEU A 184 -11.31 6.23 13.96
C LEU A 184 -10.59 4.92 14.13
N GLU A 185 -10.77 4.03 13.14
CA GLU A 185 -10.15 2.71 13.18
C GLU A 185 -8.65 2.67 13.46
N PRO A 186 -8.02 1.78 14.22
CA PRO A 186 -6.57 1.78 14.36
C PRO A 186 -5.84 1.33 13.09
N GLN A 187 -4.54 1.59 13.03
CA GLN A 187 -3.67 1.11 11.98
C GLN A 187 -2.79 0.10 12.71
N LEU A 188 -2.91 -1.20 12.44
CA LEU A 188 -2.20 -2.23 13.18
C LEU A 188 -1.19 -2.92 12.30
N VAL A 189 0.12 -2.98 12.60
CA VAL A 189 1.15 -3.54 11.76
C VAL A 189 1.65 -4.71 12.58
N TYR A 190 1.23 -5.92 12.27
CA TYR A 190 1.66 -7.09 13.04
C TYR A 190 2.98 -7.72 12.59
N SER A 191 3.64 -8.55 13.35
CA SER A 191 4.82 -9.25 12.90
C SER A 191 5.93 -8.42 12.23
N ILE A 192 6.19 -7.19 12.70
CA ILE A 192 7.11 -6.36 11.97
C ILE A 192 8.56 -6.83 11.88
N GLY A 193 9.09 -7.55 12.86
CA GLY A 193 10.44 -8.06 12.80
C GLY A 193 10.57 -9.30 11.90
N HIS A 194 9.44 -9.77 11.36
CA HIS A 194 9.47 -10.94 10.55
C HIS A 194 8.91 -10.55 9.20
N THR A 195 8.70 -9.31 8.77
CA THR A 195 8.22 -9.17 7.42
C THR A 195 9.37 -8.65 6.52
N PRO A 196 9.52 -9.27 5.33
CA PRO A 196 10.63 -9.08 4.41
C PRO A 196 10.68 -7.61 4.05
N PRO A 197 11.88 -7.10 3.74
CA PRO A 197 12.16 -5.71 3.43
C PRO A 197 11.26 -5.10 2.39
N ASP A 198 11.01 -5.79 1.30
CA ASP A 198 10.19 -5.22 0.23
C ASP A 198 8.72 -5.18 0.59
N ALA A 199 8.21 -6.16 1.37
CA ALA A 199 6.85 -6.05 1.92
C ALA A 199 6.76 -4.82 2.88
N ARG A 200 7.75 -4.46 3.73
CA ARG A 200 7.66 -3.28 4.62
C ARG A 200 7.47 -1.94 3.92
N VAL A 201 8.09 -1.77 2.75
CA VAL A 201 7.89 -0.62 1.86
C VAL A 201 6.40 -0.53 1.49
N GLN A 202 5.77 -1.70 1.21
CA GLN A 202 4.34 -1.74 0.86
C GLN A 202 3.43 -1.42 2.02
N VAL A 203 3.79 -1.86 3.23
CA VAL A 203 3.07 -1.43 4.44
C VAL A 203 3.09 0.10 4.50
N LEU A 204 4.20 0.82 4.17
CA LEU A 204 4.20 2.29 4.14
C LEU A 204 3.36 2.92 3.01
N GLU A 205 3.41 2.34 1.79
CA GLU A 205 2.53 2.84 0.73
C GLU A 205 1.02 2.76 1.05
N GLY A 206 0.63 1.62 1.66
CA GLY A 206 -0.70 1.34 2.15
C GLY A 206 -1.15 2.37 3.18
N TRP A 207 -0.33 2.72 4.19
CA TRP A 207 -0.62 3.80 5.14
C TRP A 207 -0.87 5.14 4.43
N LYS A 208 -0.05 5.55 3.47
CA LYS A 208 -0.23 6.84 2.83
C LYS A 208 -1.52 6.96 1.99
N LYS A 209 -1.80 5.85 1.31
CA LYS A 209 -3.06 5.66 0.61
C LYS A 209 -4.26 5.87 1.58
N ARG A 210 -4.33 5.29 2.79
CA ARG A 210 -5.44 5.54 3.69
C ARG A 210 -5.53 7.03 4.04
N LEU A 211 -4.39 7.69 4.35
CA LEU A 211 -4.44 9.08 4.78
C LEU A 211 -4.94 10.07 3.74
N GLU A 212 -5.05 9.67 2.48
CA GLU A 212 -5.60 10.58 1.48
C GLU A 212 -7.08 10.79 1.73
N THR A 213 -7.83 9.93 2.44
CA THR A 213 -9.23 10.22 2.72
C THR A 213 -9.67 10.10 4.17
N VAL A 214 -8.73 10.06 5.15
CA VAL A 214 -9.09 9.95 6.57
C VAL A 214 -10.19 10.84 7.13
N TRP A 215 -10.28 12.11 6.76
CA TRP A 215 -11.27 13.02 7.36
C TRP A 215 -12.72 12.62 7.02
N GLU A 216 -12.96 11.80 5.98
CA GLU A 216 -14.31 11.41 5.65
C GLU A 216 -14.60 10.00 6.11
N GLU A 217 -13.77 9.37 6.95
CA GLU A 217 -14.06 8.04 7.43
C GLU A 217 -15.17 8.03 8.46
N SER A 218 -15.86 6.90 8.67
CA SER A 218 -16.77 6.80 9.81
C SER A 218 -15.99 6.37 11.04
N PRO A 219 -16.38 6.84 12.25
CA PRO A 219 -15.80 6.49 13.54
C PRO A 219 -16.32 5.19 14.13
N LEU A 220 -15.59 4.63 15.12
CA LEU A 220 -15.96 3.44 15.86
C LEU A 220 -17.17 3.71 16.75
N TYR A 221 -17.95 2.67 17.12
CA TYR A 221 -19.12 2.78 17.99
C TYR A 221 -18.80 2.77 19.50
N PHE A 222 -19.36 3.78 20.16
CA PHE A 222 -19.34 3.78 21.61
C PHE A 222 -20.77 4.01 22.12
N ALA A 223 -21.30 3.36 23.17
CA ALA A 223 -22.66 3.66 23.65
C ALA A 223 -22.82 5.16 24.05
N PRO A 224 -23.80 5.94 23.55
CA PRO A 224 -23.94 7.37 23.87
C PRO A 224 -24.24 7.63 25.32
N SER A 225 -23.93 8.84 25.84
CA SER A 225 -24.11 9.11 27.26
C SER A 225 -25.57 9.37 27.58
N SER A 226 -26.43 9.63 26.58
CA SER A 226 -27.84 9.78 26.86
C SER A 226 -28.52 8.49 27.25
N LEU A 227 -27.89 7.32 27.16
CA LEU A 227 -28.54 6.09 27.54
C LEU A 227 -28.47 5.90 29.03
N PHE A 228 -27.83 6.80 29.76
CA PHE A 228 -27.53 6.59 31.19
C PHE A 228 -28.13 7.73 32.03
N ASP A 229 -28.38 7.38 33.29
CA ASP A 229 -28.82 8.31 34.31
C ASP A 229 -27.64 8.87 35.08
N LEU A 230 -27.22 10.08 34.73
CA LEU A 230 -25.99 10.67 35.27
C LEU A 230 -26.12 11.47 36.57
N ASN A 231 -26.31 10.79 37.68
CA ASN A 231 -26.29 11.42 38.99
C ASN A 231 -26.07 10.36 40.03
N PHE A 232 -25.68 10.74 41.24
CA PHE A 232 -25.45 9.79 42.28
C PHE A 232 -26.70 9.15 42.83
N GLN A 233 -27.92 9.70 42.79
CA GLN A 233 -29.11 8.91 43.21
C GLN A 233 -29.31 7.62 42.37
N ALA A 234 -29.18 7.66 41.03
CA ALA A 234 -29.36 6.53 40.13
C ALA A 234 -28.09 5.70 40.03
N GLY A 235 -26.94 6.23 40.46
CA GLY A 235 -25.66 5.52 40.38
C GLY A 235 -24.96 5.51 39.00
N PHE A 236 -25.27 6.44 38.08
CA PHE A 236 -24.70 6.47 36.72
C PHE A 236 -24.90 5.18 35.90
N LEU A 237 -26.09 4.60 36.09
CA LEU A 237 -26.46 3.34 35.44
C LEU A 237 -27.33 3.56 34.23
N LEU A 238 -27.33 2.58 33.34
CA LEU A 238 -28.21 2.61 32.15
C LEU A 238 -29.65 2.90 32.52
N LYS A 239 -30.40 3.73 31.79
CA LYS A 239 -31.82 3.98 32.12
C LYS A 239 -32.70 2.70 32.11
N LYS A 240 -33.79 2.61 32.90
CA LYS A 240 -34.67 1.44 32.94
C LYS A 240 -35.28 1.04 31.62
N GLU A 241 -35.73 2.01 30.82
CA GLU A 241 -36.26 1.71 29.49
C GLU A 241 -35.18 1.04 28.62
N VAL A 242 -33.92 1.56 28.58
CA VAL A 242 -32.87 0.98 27.77
C VAL A 242 -32.55 -0.41 28.29
N GLN A 243 -32.63 -0.66 29.58
CA GLN A 243 -32.37 -1.98 30.10
C GLN A 243 -33.41 -2.99 29.60
N GLU A 244 -34.68 -2.51 29.49
CA GLU A 244 -35.83 -3.24 28.98
C GLU A 244 -35.71 -3.56 27.50
N GLU A 245 -35.48 -2.56 26.61
CA GLU A 245 -35.29 -2.80 25.18
C GLU A 245 -34.09 -3.76 24.90
N GLN A 246 -32.98 -3.66 25.65
CA GLN A 246 -31.79 -4.47 25.44
C GLN A 246 -31.94 -5.95 25.74
N LYS A 247 -32.92 -6.28 26.57
CA LYS A 247 -33.23 -7.65 26.90
C LYS A 247 -33.41 -8.56 25.69
N LYS A 248 -33.92 -8.01 24.57
CA LYS A 248 -34.16 -8.72 23.33
C LYS A 248 -32.91 -9.03 22.53
N ASN A 249 -31.76 -8.42 22.85
CA ASN A 249 -30.59 -8.50 21.98
C ASN A 249 -29.64 -9.56 22.33
N LYS A 250 -29.13 -10.13 21.28
CA LYS A 250 -28.16 -11.19 21.46
C LYS A 250 -26.78 -10.65 21.88
N PHE A 251 -26.49 -9.41 21.52
CA PHE A 251 -25.18 -8.81 21.71
C PHE A 251 -25.27 -7.62 22.67
N GLY A 252 -24.17 -7.52 23.45
CA GLY A 252 -23.89 -6.37 24.31
C GLY A 252 -23.64 -5.15 23.43
N LEU A 253 -23.58 -3.93 23.97
CA LEU A 253 -23.45 -2.72 23.15
C LEU A 253 -21.98 -2.48 22.78
N SER A 254 -20.98 -3.06 23.48
CA SER A 254 -19.59 -2.82 23.11
C SER A 254 -18.69 -3.68 23.94
N VAL A 255 -17.38 -3.49 23.94
CA VAL A 255 -16.49 -4.31 24.74
C VAL A 255 -16.65 -4.07 26.25
N GLY A 256 -16.67 -2.82 26.75
CA GLY A 256 -16.78 -2.58 28.17
C GLY A 256 -18.21 -2.76 28.62
N HIS A 257 -19.16 -2.55 27.69
CA HIS A 257 -20.58 -2.68 27.94
C HIS A 257 -21.13 -3.94 27.23
N HIS A 258 -20.47 -5.09 27.43
CA HIS A 258 -20.94 -6.37 26.95
C HIS A 258 -22.26 -6.80 27.61
N LEU A 259 -22.55 -6.37 28.88
CA LEU A 259 -23.77 -6.72 29.60
C LEU A 259 -23.89 -8.22 29.82
N GLY A 260 -22.83 -8.97 30.08
CA GLY A 260 -22.88 -10.42 30.21
C GLY A 260 -23.21 -11.19 28.93
N LYS A 261 -23.50 -10.54 27.81
CA LYS A 261 -23.78 -11.19 26.55
C LYS A 261 -22.54 -11.28 25.65
N SER A 262 -22.72 -11.64 24.39
CA SER A 262 -21.67 -11.70 23.41
C SER A 262 -21.19 -10.29 23.01
N ILE A 263 -19.85 -10.15 22.89
CA ILE A 263 -19.30 -8.87 22.46
C ILE A 263 -19.54 -8.82 20.94
N PRO A 264 -20.07 -7.73 20.40
CA PRO A 264 -20.19 -7.58 18.97
C PRO A 264 -18.79 -7.61 18.28
N ALA A 265 -18.58 -8.32 17.18
CA ALA A 265 -17.28 -8.44 16.53
C ALA A 265 -16.52 -7.19 16.05
N ASP A 266 -15.27 -7.09 16.56
CA ASP A 266 -14.31 -6.04 16.18
C ASP A 266 -14.84 -4.68 16.45
N ASN A 267 -15.53 -4.53 17.55
CA ASN A 267 -16.09 -3.24 17.99
C ASN A 267 -15.05 -2.11 18.10
N GLN A 268 -13.83 -2.48 18.48
CA GLN A 268 -12.75 -1.54 18.69
C GLN A 268 -11.78 -1.46 17.52
N ILE A 269 -12.00 -2.29 16.46
CA ILE A 269 -11.11 -2.36 15.29
C ILE A 269 -11.83 -1.95 14.00
N LYS A 270 -13.17 -2.09 13.79
CA LYS A 270 -13.82 -1.70 12.55
C LYS A 270 -14.99 -0.77 12.78
N ALA A 271 -15.18 0.24 11.96
CA ALA A 271 -16.25 1.18 12.10
C ALA A 271 -17.62 0.62 11.78
N ARG A 272 -18.57 1.38 12.35
CA ARG A 272 -20.04 1.24 12.30
C ARG A 272 -20.56 0.37 13.43
N LYS A 273 -21.72 0.90 13.90
CA LYS A 273 -22.47 0.37 15.04
C LYS A 273 -22.49 -1.14 15.28
N ALA B 1 -5.84 9.36 -26.70
CA ALA B 1 -6.77 8.86 -25.67
C ALA B 1 -6.00 7.93 -24.71
N VAL B 2 -6.58 7.50 -23.57
CA VAL B 2 -5.84 6.78 -22.50
C VAL B 2 -6.78 5.78 -21.75
N ARG B 3 -7.90 5.34 -22.30
CA ARG B 3 -8.95 4.72 -21.50
C ARG B 3 -9.24 3.21 -21.47
N ARG B 4 -8.55 2.35 -22.22
CA ARG B 4 -8.86 0.94 -22.22
C ARG B 4 -7.68 0.10 -21.77
N ALA B 5 -7.85 -0.87 -20.88
CA ALA B 5 -6.78 -1.70 -20.37
C ALA B 5 -7.09 -3.18 -20.54
N LEU B 6 -6.07 -4.03 -20.79
CA LEU B 6 -6.19 -5.47 -20.95
C LEU B 6 -5.27 -6.09 -19.94
N ILE B 7 -5.74 -7.08 -19.18
CA ILE B 7 -4.93 -7.80 -18.17
C ILE B 7 -4.90 -9.28 -18.58
N VAL B 8 -3.71 -9.85 -18.74
CA VAL B 8 -3.51 -11.23 -19.17
C VAL B 8 -3.03 -11.99 -17.97
N LEU B 9 -3.67 -13.05 -17.46
CA LEU B 9 -3.26 -13.73 -16.24
C LEU B 9 -2.75 -15.12 -16.65
N ALA B 10 -1.78 -15.70 -15.94
CA ALA B 10 -1.29 -17.04 -16.19
C ALA B 10 -1.20 -17.83 -14.89
N HIS B 11 -2.30 -18.32 -14.24
CA HIS B 11 -2.25 -19.14 -13.05
C HIS B 11 -3.60 -19.88 -13.08
N ALA B 12 -3.55 -21.19 -12.84
CA ALA B 12 -4.73 -22.04 -12.81
C ALA B 12 -5.56 -21.90 -11.55
N GLU B 13 -4.96 -21.72 -10.37
CA GLU B 13 -5.71 -21.62 -9.11
C GLU B 13 -6.35 -20.27 -8.82
N ARG B 14 -7.66 -20.22 -8.53
CA ARG B 14 -8.31 -18.97 -8.13
C ARG B 14 -7.96 -18.63 -6.69
N THR B 15 -7.37 -19.48 -5.87
CA THR B 15 -6.97 -19.12 -4.51
C THR B 15 -5.56 -18.49 -4.48
N SER B 16 -4.92 -18.21 -5.63
CA SER B 16 -3.53 -17.75 -5.65
C SER B 16 -3.40 -16.26 -5.35
N PHE B 17 -2.20 -15.84 -4.88
CA PHE B 17 -1.92 -14.41 -4.76
C PHE B 17 -1.93 -13.77 -6.11
N ASN B 18 -1.47 -14.49 -7.15
CA ASN B 18 -1.58 -13.97 -8.52
C ASN B 18 -3.01 -13.63 -8.94
N TYR B 19 -4.00 -14.45 -8.56
CA TYR B 19 -5.40 -14.12 -8.88
C TYR B 19 -5.83 -12.90 -8.08
N ALA B 20 -5.36 -12.77 -6.81
CA ALA B 20 -5.70 -11.63 -5.92
C ALA B 20 -5.12 -10.31 -6.48
N MET B 21 -3.85 -10.34 -6.96
CA MET B 21 -3.26 -9.20 -7.70
C MET B 21 -4.06 -8.83 -8.92
N LYS B 22 -4.51 -9.80 -9.75
CA LYS B 22 -5.36 -9.46 -10.89
C LYS B 22 -6.69 -8.79 -10.52
N GLU B 23 -7.41 -9.33 -9.53
CA GLU B 23 -8.65 -8.75 -9.02
C GLU B 23 -8.45 -7.34 -8.42
N ALA B 24 -7.38 -7.01 -7.67
CA ALA B 24 -7.17 -5.61 -7.20
C ALA B 24 -6.97 -4.70 -8.40
N ALA B 25 -6.35 -5.15 -9.51
CA ALA B 25 -6.11 -4.26 -10.64
C ALA B 25 -7.35 -3.97 -11.42
N VAL B 26 -8.28 -4.91 -11.64
CA VAL B 26 -9.55 -4.63 -12.31
C VAL B 26 -10.33 -3.53 -11.56
N GLU B 27 -10.35 -3.61 -10.23
CA GLU B 27 -10.99 -2.74 -9.25
C GLU B 27 -10.39 -1.34 -9.23
N ALA B 28 -9.06 -1.25 -9.03
CA ALA B 28 -8.41 0.05 -9.02
C ALA B 28 -8.65 0.79 -10.30
N LEU B 29 -8.55 0.13 -11.47
CA LEU B 29 -8.69 0.81 -12.75
C LEU B 29 -10.13 1.21 -13.11
N LYS B 30 -11.09 0.42 -12.64
CA LYS B 30 -12.51 0.70 -12.85
C LYS B 30 -13.00 1.83 -11.96
N LYS B 31 -12.48 2.00 -10.74
CA LYS B 31 -12.84 3.19 -9.99
C LYS B 31 -12.29 4.45 -10.63
N LYS B 32 -11.25 4.40 -11.46
CA LYS B 32 -10.74 5.56 -12.11
C LYS B 32 -11.42 5.84 -13.43
N GLY B 33 -12.41 5.09 -13.91
CA GLY B 33 -12.99 5.40 -15.20
C GLY B 33 -12.50 4.52 -16.36
N TRP B 34 -11.56 3.55 -16.23
CA TRP B 34 -11.10 2.71 -17.37
C TRP B 34 -12.08 1.63 -17.80
N GLU B 35 -12.01 1.13 -19.05
CA GLU B 35 -12.73 -0.06 -19.50
C GLU B 35 -11.66 -1.16 -19.47
N VAL B 36 -11.89 -2.21 -18.67
CA VAL B 36 -10.97 -3.30 -18.43
C VAL B 36 -11.34 -4.59 -19.20
N VAL B 37 -10.47 -5.25 -19.96
CA VAL B 37 -10.79 -6.51 -20.65
C VAL B 37 -9.84 -7.54 -20.09
N GLU B 38 -10.13 -8.85 -19.98
CA GLU B 38 -9.23 -9.85 -19.38
C GLU B 38 -8.94 -11.01 -20.35
N SER B 39 -7.80 -11.66 -20.17
CA SER B 39 -7.45 -12.91 -20.82
C SER B 39 -6.90 -13.81 -19.73
N ASP B 40 -7.82 -14.52 -19.11
CA ASP B 40 -7.44 -15.47 -18.10
C ASP B 40 -7.16 -16.78 -18.82
N LEU B 41 -5.91 -16.92 -19.26
CA LEU B 41 -5.47 -18.02 -20.11
C LEU B 41 -5.88 -19.42 -19.70
N TYR B 42 -5.64 -19.88 -18.48
CA TYR B 42 -6.14 -21.17 -18.02
C TYR B 42 -7.68 -21.26 -17.94
N ALA B 43 -8.47 -20.24 -17.51
CA ALA B 43 -9.89 -20.37 -17.60
C ALA B 43 -10.30 -20.34 -19.09
N MET B 44 -9.47 -19.98 -20.09
CA MET B 44 -9.94 -19.97 -21.47
C MET B 44 -9.57 -21.26 -22.15
N ASN B 45 -9.00 -22.28 -21.49
CA ASN B 45 -8.48 -23.47 -22.20
C ASN B 45 -7.59 -23.10 -23.40
N PHE B 46 -6.68 -22.14 -23.18
CA PHE B 46 -5.90 -21.60 -24.28
C PHE B 46 -4.80 -22.57 -24.68
N ASN B 47 -4.85 -22.82 -25.97
CA ASN B 47 -3.86 -23.67 -26.65
C ASN B 47 -2.52 -22.92 -26.87
N PRO B 48 -1.44 -23.39 -26.25
CA PRO B 48 -0.11 -22.77 -26.32
C PRO B 48 0.88 -23.22 -27.44
N LEU B 49 0.48 -24.20 -28.27
CA LEU B 49 1.39 -24.81 -29.25
C LEU B 49 1.13 -24.27 -30.62
N ILE B 50 2.23 -23.77 -31.16
CA ILE B 50 2.26 -23.21 -32.52
C ILE B 50 2.24 -24.41 -33.53
N SER B 51 1.60 -24.35 -34.69
CA SER B 51 1.64 -25.44 -35.64
C SER B 51 1.03 -24.95 -36.97
N ARG B 52 1.16 -25.76 -38.07
CA ARG B 52 0.47 -25.39 -39.33
C ARG B 52 -1.05 -25.30 -39.17
N ASN B 53 -1.66 -25.96 -38.19
CA ASN B 53 -3.09 -25.80 -37.92
C ASN B 53 -3.52 -24.43 -37.35
N ASP B 54 -2.73 -23.39 -37.26
CA ASP B 54 -3.18 -22.07 -36.88
C ASP B 54 -3.73 -21.31 -38.09
N ILE B 55 -3.48 -21.86 -39.30
CA ILE B 55 -3.77 -21.29 -40.62
C ILE B 55 -4.94 -22.12 -41.15
N THR B 56 -5.87 -21.46 -41.80
CA THR B 56 -7.00 -22.10 -42.39
C THR B 56 -6.73 -22.06 -43.90
N GLY B 57 -7.18 -23.11 -44.59
CA GLY B 57 -7.11 -23.14 -46.04
C GLY B 57 -5.78 -23.58 -46.62
N GLU B 58 -5.28 -22.60 -47.38
CA GLU B 58 -4.09 -22.68 -48.23
C GLU B 58 -2.70 -22.47 -47.67
N PRO B 59 -1.83 -23.44 -47.38
CA PRO B 59 -0.40 -23.19 -47.17
C PRO B 59 0.16 -22.85 -48.53
N LYS B 60 0.73 -21.67 -48.67
CA LYS B 60 1.50 -21.31 -49.85
C LYS B 60 2.53 -22.38 -50.18
N ASP B 61 3.15 -23.08 -49.23
CA ASP B 61 4.07 -24.17 -49.56
C ASP B 61 4.04 -25.30 -48.51
N SER B 62 3.07 -26.21 -48.44
CA SER B 62 3.19 -27.36 -47.54
C SER B 62 4.48 -28.17 -47.58
N GLU B 63 5.25 -28.23 -48.67
CA GLU B 63 6.48 -29.02 -48.70
C GLU B 63 7.50 -28.49 -47.68
N ASN B 64 7.60 -27.19 -47.60
CA ASN B 64 8.60 -26.55 -46.75
C ASN B 64 7.81 -25.44 -46.07
N PHE B 65 7.05 -25.88 -45.05
CA PHE B 65 6.17 -25.01 -44.27
C PHE B 65 7.04 -24.14 -43.39
N GLN B 66 6.98 -22.82 -43.46
CA GLN B 66 7.80 -21.91 -42.67
C GLN B 66 6.87 -20.97 -41.95
N TYR B 67 6.82 -21.13 -40.64
CA TYR B 67 5.81 -20.44 -39.87
C TYR B 67 5.75 -18.94 -40.00
N PRO B 68 6.79 -18.09 -40.00
CA PRO B 68 6.62 -16.65 -40.08
C PRO B 68 5.99 -16.18 -41.40
N VAL B 69 6.40 -16.90 -42.48
CA VAL B 69 5.99 -16.62 -43.86
C VAL B 69 4.49 -16.92 -44.00
N GLU B 70 4.12 -18.14 -43.64
CA GLU B 70 2.74 -18.59 -43.70
C GLU B 70 1.73 -17.85 -42.84
N SER B 71 2.10 -17.50 -41.59
CA SER B 71 1.18 -16.73 -40.75
C SER B 71 1.07 -15.27 -41.14
N SER B 72 2.07 -14.58 -41.73
CA SER B 72 1.81 -13.20 -42.14
C SER B 72 0.90 -13.20 -43.33
N LEU B 73 1.08 -14.09 -44.32
CA LEU B 73 0.12 -14.21 -45.44
C LEU B 73 -1.28 -14.46 -44.88
N ALA B 74 -1.43 -15.52 -44.05
CA ALA B 74 -2.73 -15.85 -43.43
C ALA B 74 -3.36 -14.65 -42.72
N TYR B 75 -2.59 -13.81 -42.00
CA TYR B 75 -3.08 -12.57 -41.40
C TYR B 75 -3.63 -11.56 -42.43
N LYS B 76 -2.89 -11.19 -43.47
CA LYS B 76 -3.34 -10.28 -44.52
C LYS B 76 -4.63 -10.81 -45.14
N GLU B 77 -4.68 -12.12 -45.43
CA GLU B 77 -5.85 -12.74 -46.05
C GLU B 77 -7.01 -13.10 -45.10
N GLY B 78 -6.93 -12.94 -43.78
CA GLY B 78 -8.02 -13.32 -42.88
C GLY B 78 -8.20 -14.84 -42.75
N ARG B 79 -7.11 -15.63 -42.65
CA ARG B 79 -7.13 -17.09 -42.59
C ARG B 79 -6.59 -17.72 -41.29
N LEU B 80 -6.51 -16.90 -40.23
CA LEU B 80 -6.02 -17.32 -38.94
C LEU B 80 -7.10 -17.90 -38.05
N SER B 81 -6.68 -18.80 -37.25
CA SER B 81 -7.53 -19.47 -36.31
C SER B 81 -8.35 -18.51 -35.41
N PRO B 82 -9.64 -18.79 -35.07
CA PRO B 82 -10.48 -17.86 -34.33
C PRO B 82 -10.07 -17.59 -32.88
N ASP B 83 -9.37 -18.45 -32.16
CA ASP B 83 -8.87 -18.07 -30.86
C ASP B 83 -7.73 -17.04 -31.05
N ILE B 84 -6.92 -17.09 -32.15
CA ILE B 84 -5.89 -16.07 -32.35
C ILE B 84 -6.48 -14.71 -32.72
N VAL B 85 -7.53 -14.65 -33.55
CA VAL B 85 -8.14 -13.39 -33.93
C VAL B 85 -8.82 -12.70 -32.77
N ALA B 86 -9.50 -13.45 -31.92
CA ALA B 86 -10.18 -12.87 -30.77
C ALA B 86 -9.13 -12.23 -29.87
N GLU B 87 -7.98 -12.86 -29.67
CA GLU B 87 -6.92 -12.26 -28.86
C GLU B 87 -6.31 -11.05 -29.52
N GLN B 88 -6.21 -11.05 -30.84
CA GLN B 88 -5.69 -9.91 -31.58
C GLN B 88 -6.62 -8.70 -31.54
N LYS B 89 -7.93 -8.88 -31.41
CA LYS B 89 -8.86 -7.79 -31.26
C LYS B 89 -8.72 -7.07 -29.94
N LYS B 90 -8.54 -7.83 -28.84
CA LYS B 90 -8.43 -7.21 -27.50
C LYS B 90 -7.22 -6.28 -27.46
N LEU B 91 -6.12 -6.83 -28.00
CA LEU B 91 -4.84 -6.16 -28.02
C LEU B 91 -4.94 -4.89 -28.83
N GLU B 92 -5.45 -4.96 -30.06
CA GLU B 92 -5.57 -3.78 -30.89
C GLU B 92 -6.43 -2.69 -30.23
N ALA B 93 -7.40 -3.00 -29.35
CA ALA B 93 -8.16 -1.93 -28.71
C ALA B 93 -7.58 -1.41 -27.38
N ALA B 94 -6.60 -2.08 -26.77
CA ALA B 94 -6.05 -1.78 -25.45
C ALA B 94 -5.03 -0.66 -25.47
N ASP B 95 -5.01 0.29 -24.51
CA ASP B 95 -3.95 1.31 -24.47
C ASP B 95 -2.91 0.83 -23.49
N LEU B 96 -3.31 0.13 -22.44
CA LEU B 96 -2.41 -0.38 -21.44
C LEU B 96 -2.65 -1.88 -21.41
N VAL B 97 -1.57 -2.67 -21.33
CA VAL B 97 -1.60 -4.09 -21.21
C VAL B 97 -0.74 -4.51 -20.04
N ILE B 98 -1.26 -5.31 -19.09
CA ILE B 98 -0.56 -5.78 -17.91
C ILE B 98 -0.43 -7.29 -17.96
N PHE B 99 0.76 -7.90 -17.71
CA PHE B 99 0.92 -9.34 -17.75
C PHE B 99 1.11 -9.71 -16.30
N GLN B 100 0.30 -10.63 -15.73
CA GLN B 100 0.47 -11.02 -14.35
C GLN B 100 0.90 -12.51 -14.29
N PHE B 101 2.01 -12.88 -13.62
CA PHE B 101 2.40 -14.29 -13.62
C PHE B 101 3.38 -14.59 -12.46
N PRO B 102 3.50 -15.84 -11.98
CA PRO B 102 4.57 -16.28 -11.09
C PRO B 102 5.89 -16.54 -11.84
N LEU B 103 7.09 -16.35 -11.31
CA LEU B 103 8.33 -16.61 -12.04
C LEU B 103 8.50 -18.09 -12.03
N TYR B 104 8.54 -18.75 -13.19
CA TYR B 104 8.83 -20.20 -13.24
C TYR B 104 10.13 -20.40 -14.00
N TRP B 105 11.13 -21.07 -13.41
CA TRP B 105 12.46 -21.33 -13.99
C TRP B 105 13.07 -20.10 -14.74
N PHE B 106 13.17 -19.01 -13.96
CA PHE B 106 13.69 -17.72 -14.42
C PHE B 106 13.08 -17.21 -15.71
N GLY B 107 11.81 -17.54 -15.92
CA GLY B 107 11.07 -17.02 -17.06
C GLY B 107 9.57 -17.07 -16.81
N VAL B 108 8.84 -16.73 -17.85
CA VAL B 108 7.37 -16.69 -17.93
C VAL B 108 6.75 -18.13 -17.98
N PRO B 109 5.57 -18.52 -17.45
CA PRO B 109 4.96 -19.87 -17.64
C PRO B 109 4.79 -20.26 -19.09
N ALA B 110 4.85 -21.55 -19.38
CA ALA B 110 4.64 -22.05 -20.74
C ALA B 110 3.34 -21.57 -21.35
N ILE B 111 2.19 -21.42 -20.66
CA ILE B 111 0.99 -20.91 -21.33
C ILE B 111 1.12 -19.46 -21.83
N LEU B 112 1.94 -18.64 -21.14
CA LEU B 112 2.13 -17.23 -21.54
C LEU B 112 3.19 -17.17 -22.68
N LYS B 113 4.29 -17.92 -22.61
CA LYS B 113 5.27 -18.06 -23.68
C LYS B 113 4.55 -18.44 -24.96
N GLY B 114 3.60 -19.42 -24.91
CA GLY B 114 2.77 -19.86 -26.07
C GLY B 114 1.77 -18.83 -26.61
N TRP B 115 1.26 -17.90 -25.78
CA TRP B 115 0.40 -16.80 -26.24
C TRP B 115 1.31 -15.80 -26.98
N PHE B 116 2.59 -15.55 -26.61
CA PHE B 116 3.45 -14.65 -27.41
C PHE B 116 3.79 -15.28 -28.77
N GLU B 117 4.22 -16.53 -28.76
CA GLU B 117 4.48 -17.28 -29.99
C GLU B 117 3.25 -17.33 -30.94
N ARG B 118 2.02 -17.55 -30.45
CA ARG B 118 0.87 -17.63 -31.37
C ARG B 118 0.21 -16.27 -31.63
N VAL B 119 0.19 -15.32 -30.68
CA VAL B 119 -0.61 -14.12 -31.01
C VAL B 119 0.16 -12.96 -31.65
N LEU B 120 1.48 -12.93 -31.45
CA LEU B 120 2.27 -11.81 -31.99
C LEU B 120 2.84 -12.20 -33.33
N VAL B 121 2.01 -11.97 -34.31
CA VAL B 121 2.31 -12.43 -35.66
C VAL B 121 3.18 -11.49 -36.51
N ALA B 122 4.08 -12.07 -37.31
CA ALA B 122 4.85 -11.33 -38.33
C ALA B 122 3.83 -10.56 -39.15
N GLY B 123 4.00 -9.28 -39.39
CA GLY B 123 3.04 -8.44 -40.07
C GLY B 123 2.06 -7.76 -39.10
N PHE B 124 1.60 -8.36 -38.00
CA PHE B 124 0.65 -7.69 -37.10
C PHE B 124 1.41 -6.98 -35.97
N ALA B 125 2.33 -7.71 -35.35
CA ALA B 125 3.03 -7.22 -34.18
C ALA B 125 4.45 -6.67 -34.47
N TYR B 126 5.02 -7.02 -35.64
CA TYR B 126 6.34 -6.59 -36.02
C TYR B 126 6.48 -6.84 -37.52
N THR B 127 7.58 -6.29 -38.05
CA THR B 127 8.14 -6.39 -39.41
C THR B 127 9.67 -6.35 -39.15
N TYR B 128 10.52 -6.87 -40.06
CA TYR B 128 11.96 -6.81 -39.86
C TYR B 128 12.56 -5.52 -40.32
N ALA B 129 11.74 -4.59 -40.72
CA ALA B 129 12.22 -3.30 -41.15
C ALA B 129 11.61 -2.18 -40.28
N THR B 130 10.90 -2.55 -39.20
CA THR B 130 10.26 -1.61 -38.25
C THR B 130 10.45 -2.17 -36.84
N MET B 131 11.61 -2.79 -36.53
CA MET B 131 11.86 -3.37 -35.21
C MET B 131 11.98 -2.28 -34.16
N TYR B 132 11.79 -2.63 -32.90
CA TYR B 132 11.92 -1.76 -31.72
C TYR B 132 11.20 -0.43 -31.74
N ASP B 133 11.77 0.78 -31.72
CA ASP B 133 10.89 1.93 -31.55
C ASP B 133 10.09 2.37 -32.76
N LYS B 134 10.31 1.67 -33.87
CA LYS B 134 9.53 1.98 -35.04
C LYS B 134 8.41 0.96 -35.08
N GLY B 135 8.16 0.11 -34.08
CA GLY B 135 7.14 -0.92 -34.19
C GLY B 135 5.70 -0.41 -34.10
N PRO B 136 4.73 -1.25 -34.49
CA PRO B 136 3.33 -0.89 -34.56
C PRO B 136 2.70 -0.55 -33.18
N PHE B 137 3.23 -1.02 -32.05
CA PHE B 137 2.63 -0.74 -30.75
C PHE B 137 3.24 0.50 -30.13
N GLN B 138 3.87 1.39 -30.89
CA GLN B 138 4.36 2.71 -30.42
C GLN B 138 3.51 3.49 -29.42
N ASN B 139 2.19 3.43 -29.61
CA ASN B 139 1.30 4.21 -28.80
C ASN B 139 0.80 3.55 -27.51
N LYS B 140 1.41 2.50 -27.01
CA LYS B 140 0.79 1.74 -25.95
C LYS B 140 1.80 1.58 -24.86
N LYS B 141 1.35 1.19 -23.67
CA LYS B 141 2.25 1.02 -22.53
C LYS B 141 2.04 -0.37 -21.97
N THR B 142 3.00 -0.99 -21.31
CA THR B 142 2.79 -2.31 -20.76
C THR B 142 3.70 -2.46 -19.56
N LEU B 143 3.44 -3.46 -18.71
CA LEU B 143 4.27 -3.73 -17.54
C LEU B 143 4.17 -5.19 -17.11
N LEU B 144 5.19 -5.83 -16.57
CA LEU B 144 5.17 -7.18 -16.04
C LEU B 144 4.88 -7.07 -14.56
N SER B 145 4.15 -7.97 -13.91
CA SER B 145 3.81 -7.92 -12.49
C SER B 145 4.08 -9.34 -12.04
N ILE B 146 5.15 -9.58 -11.26
CA ILE B 146 5.73 -10.92 -11.03
C ILE B 146 5.77 -11.41 -9.57
N THR B 147 5.52 -12.69 -9.22
CA THR B 147 5.66 -13.11 -7.83
C THR B 147 6.76 -14.15 -7.85
N THR B 148 7.47 -14.27 -6.71
CA THR B 148 8.69 -15.05 -6.60
C THR B 148 8.72 -15.83 -5.28
N GLY B 149 9.27 -17.03 -5.32
CA GLY B 149 9.48 -17.83 -4.13
C GLY B 149 10.76 -17.34 -3.38
N GLY B 150 11.85 -17.02 -4.13
CA GLY B 150 13.11 -16.60 -3.50
C GLY B 150 13.13 -15.16 -3.01
N SER B 151 13.97 -14.80 -2.05
CA SER B 151 14.02 -13.42 -1.58
C SER B 151 14.77 -12.41 -2.46
N GLY B 152 14.46 -11.14 -2.16
CA GLY B 152 15.00 -9.99 -2.82
C GLY B 152 16.51 -10.01 -2.80
N SER B 153 17.18 -10.43 -1.73
CA SER B 153 18.61 -10.43 -1.66
C SER B 153 19.29 -11.57 -2.45
N MET B 154 18.62 -12.72 -2.65
CA MET B 154 19.08 -13.78 -3.56
C MET B 154 19.17 -13.30 -5.01
N TYR B 155 18.47 -12.22 -5.40
CA TYR B 155 18.43 -11.67 -6.75
C TYR B 155 19.13 -10.32 -6.94
N SER B 156 20.01 -9.93 -6.01
CA SER B 156 20.79 -8.72 -6.13
C SER B 156 22.17 -9.08 -6.73
N LEU B 157 23.06 -8.09 -6.97
CA LEU B 157 24.33 -8.31 -7.62
C LEU B 157 25.17 -9.29 -6.92
N GLN B 158 24.92 -9.48 -5.64
CA GLN B 158 25.77 -10.35 -4.82
C GLN B 158 25.13 -11.60 -4.35
N GLY B 159 23.90 -11.86 -4.78
CA GLY B 159 23.14 -13.04 -4.33
C GLY B 159 23.40 -14.29 -5.16
N VAL B 160 23.24 -15.50 -4.59
CA VAL B 160 23.38 -16.80 -5.28
C VAL B 160 22.79 -16.86 -6.68
N HIS B 161 21.62 -16.30 -6.96
CA HIS B 161 21.02 -16.36 -8.28
C HIS B 161 21.52 -15.26 -9.17
N GLY B 162 22.16 -14.20 -8.64
CA GLY B 162 22.65 -13.14 -9.50
C GLY B 162 21.57 -12.12 -9.79
N ASP B 163 21.90 -11.13 -10.64
CA ASP B 163 21.05 -10.00 -10.83
C ASP B 163 19.72 -10.14 -11.57
N MET B 164 18.64 -9.68 -10.93
CA MET B 164 17.32 -9.71 -11.54
C MET B 164 17.23 -8.88 -12.81
N ASN B 165 18.00 -7.82 -13.00
CA ASN B 165 17.88 -7.03 -14.23
C ASN B 165 18.34 -7.89 -15.42
N VAL B 166 19.18 -8.90 -15.24
CA VAL B 166 19.61 -9.75 -16.34
C VAL B 166 18.53 -10.77 -16.75
N ILE B 167 17.72 -11.29 -15.78
CA ILE B 167 16.60 -12.20 -16.01
C ILE B 167 15.44 -11.54 -16.79
N LEU B 168 15.23 -10.23 -16.54
CA LEU B 168 14.13 -9.51 -17.15
C LEU B 168 14.38 -9.01 -18.58
N TRP B 169 15.66 -8.77 -18.96
CA TRP B 169 16.06 -8.26 -20.26
C TRP B 169 15.53 -9.09 -21.43
N PRO B 170 15.66 -10.42 -21.58
CA PRO B 170 15.13 -11.13 -22.74
C PRO B 170 13.62 -10.87 -23.00
N ILE B 171 12.76 -10.76 -21.94
CA ILE B 171 11.35 -10.45 -22.05
C ILE B 171 11.09 -9.02 -22.41
N GLN B 172 11.55 -8.11 -21.55
CA GLN B 172 11.23 -6.70 -21.72
C GLN B 172 11.85 -6.08 -22.94
N SER B 173 13.08 -6.42 -23.35
CA SER B 173 13.59 -5.90 -24.60
C SER B 173 13.19 -6.80 -25.80
N GLY B 174 13.54 -8.08 -25.72
CA GLY B 174 13.37 -9.05 -26.77
C GLY B 174 11.96 -9.29 -27.27
N ILE B 175 10.94 -9.11 -26.43
CA ILE B 175 9.55 -9.30 -26.88
C ILE B 175 8.78 -7.99 -26.90
N LEU B 176 8.72 -7.30 -25.75
CA LEU B 176 7.92 -6.08 -25.62
C LEU B 176 8.50 -4.87 -26.35
N ARG B 177 9.75 -4.52 -26.17
CA ARG B 177 10.23 -3.33 -26.82
C ARG B 177 10.43 -3.64 -28.31
N PHE B 178 10.80 -4.87 -28.72
CA PHE B 178 10.88 -5.23 -30.15
C PHE B 178 9.63 -4.83 -30.94
N CYS B 179 8.41 -4.99 -30.35
CA CYS B 179 7.17 -4.68 -31.08
C CYS B 179 6.69 -3.25 -30.94
N GLY B 180 7.42 -2.41 -30.18
CA GLY B 180 7.16 -0.96 -30.16
C GLY B 180 6.54 -0.40 -28.89
N PHE B 181 6.28 -1.23 -27.87
CA PHE B 181 5.66 -0.81 -26.61
C PHE B 181 6.56 0.12 -25.83
N GLN B 182 5.93 1.01 -25.07
CA GLN B 182 6.66 1.76 -24.06
C GLN B 182 6.52 0.85 -22.84
N VAL B 183 7.65 0.39 -22.33
CA VAL B 183 7.71 -0.52 -21.21
C VAL B 183 7.85 0.25 -19.88
N LEU B 184 6.93 0.04 -18.90
CA LEU B 184 6.94 0.71 -17.59
C LEU B 184 7.63 -0.19 -16.59
N GLU B 185 7.91 0.34 -15.41
CA GLU B 185 8.63 -0.40 -14.41
C GLU B 185 8.00 -1.73 -13.98
N PRO B 186 8.63 -2.89 -13.82
CA PRO B 186 7.95 -4.10 -13.36
C PRO B 186 7.40 -3.99 -11.92
N GLN B 187 6.35 -4.74 -11.51
CA GLN B 187 5.86 -4.72 -10.16
C GLN B 187 6.48 -5.97 -9.61
N LEU B 188 7.38 -5.99 -8.63
CA LEU B 188 8.05 -7.21 -8.24
C LEU B 188 7.65 -7.61 -6.85
N VAL B 189 7.12 -8.80 -6.52
CA VAL B 189 6.66 -9.21 -5.21
C VAL B 189 7.51 -10.37 -4.78
N TYR B 190 8.53 -10.13 -3.97
CA TYR B 190 9.45 -11.17 -3.57
C TYR B 190 9.00 -12.00 -2.39
N SER B 191 9.51 -13.19 -2.17
CA SER B 191 9.23 -13.93 -0.95
C SER B 191 7.74 -14.09 -0.57
N ILE B 192 6.81 -14.33 -1.55
CA ILE B 192 5.40 -14.31 -1.18
C ILE B 192 4.95 -15.43 -0.24
N GLY B 193 5.63 -16.55 -0.15
CA GLY B 193 5.25 -17.61 0.76
C GLY B 193 5.87 -17.40 2.13
N HIS B 194 6.72 -16.40 2.30
CA HIS B 194 7.23 -16.18 3.63
C HIS B 194 6.74 -14.82 4.11
N THR B 195 5.76 -14.16 3.51
CA THR B 195 5.35 -12.91 4.10
C THR B 195 4.05 -13.09 4.90
N PRO B 196 3.98 -12.64 6.18
CA PRO B 196 2.77 -12.65 7.04
C PRO B 196 1.47 -12.19 6.38
N PRO B 197 0.33 -12.81 6.69
CA PRO B 197 -0.98 -12.51 6.10
C PRO B 197 -1.46 -11.10 6.16
N ASP B 198 -1.14 -10.38 7.21
CA ASP B 198 -1.50 -8.96 7.38
C ASP B 198 -0.70 -8.08 6.36
N ALA B 199 0.63 -8.34 6.23
CA ALA B 199 1.48 -7.59 5.25
C ALA B 199 1.04 -7.89 3.83
N ARG B 200 0.56 -9.11 3.54
CA ARG B 200 0.10 -9.43 2.19
C ARG B 200 -1.08 -8.59 1.78
N VAL B 201 -1.97 -8.18 2.68
CA VAL B 201 -3.05 -7.27 2.34
C VAL B 201 -2.51 -5.89 1.95
N GLN B 202 -1.41 -5.45 2.59
CA GLN B 202 -0.86 -4.14 2.24
C GLN B 202 -0.08 -4.14 0.92
N VAL B 203 0.48 -5.31 0.53
CA VAL B 203 1.08 -5.50 -0.79
C VAL B 203 0.02 -5.18 -1.86
N LEU B 204 -1.21 -5.72 -1.67
CA LEU B 204 -2.33 -5.44 -2.58
C LEU B 204 -2.76 -3.99 -2.54
N GLU B 205 -2.80 -3.35 -1.34
CA GLU B 205 -3.06 -1.89 -1.29
C GLU B 205 -2.04 -0.93 -1.96
N GLY B 206 -0.74 -1.22 -1.80
CA GLY B 206 0.29 -0.51 -2.55
C GLY B 206 0.16 -0.69 -4.07
N TRP B 207 -0.12 -1.92 -4.56
CA TRP B 207 -0.44 -2.10 -5.99
C TRP B 207 -1.65 -1.28 -6.41
N LYS B 208 -2.77 -1.19 -5.72
CA LYS B 208 -3.84 -0.33 -6.23
C LYS B 208 -3.55 1.19 -6.20
N LYS B 209 -2.73 1.64 -5.26
CA LYS B 209 -2.23 3.02 -5.23
C LYS B 209 -1.42 3.35 -6.46
N ARG B 210 -0.42 2.54 -6.85
CA ARG B 210 0.33 2.74 -8.09
C ARG B 210 -0.60 2.91 -9.26
N LEU B 211 -1.59 2.00 -9.41
CA LEU B 211 -2.46 2.06 -10.59
C LEU B 211 -3.28 3.31 -10.77
N GLU B 212 -3.41 4.19 -9.77
CA GLU B 212 -4.21 5.42 -9.90
C GLU B 212 -3.56 6.44 -10.80
N THR B 213 -2.24 6.42 -10.93
CA THR B 213 -1.53 7.33 -11.85
C THR B 213 -0.64 6.62 -12.88
N VAL B 214 -0.77 5.32 -13.14
CA VAL B 214 0.04 4.59 -14.12
C VAL B 214 0.30 5.22 -15.48
N TRP B 215 -0.69 5.80 -16.14
CA TRP B 215 -0.49 6.36 -17.47
C TRP B 215 0.44 7.59 -17.46
N GLU B 216 0.79 8.11 -16.28
CA GLU B 216 1.64 9.26 -16.21
C GLU B 216 3.10 8.94 -15.91
N GLU B 217 3.48 7.65 -15.83
CA GLU B 217 4.85 7.31 -15.50
C GLU B 217 5.75 7.38 -16.72
N SER B 218 7.05 7.55 -16.51
CA SER B 218 8.06 7.46 -17.60
C SER B 218 8.46 6.00 -17.84
N PRO B 219 8.86 5.59 -19.05
CA PRO B 219 9.29 4.24 -19.38
C PRO B 219 10.75 4.01 -19.05
N LEU B 220 11.10 2.71 -19.07
CA LEU B 220 12.46 2.23 -18.93
C LEU B 220 13.20 2.68 -20.20
N TYR B 221 14.53 2.73 -20.07
CA TYR B 221 15.40 3.11 -21.16
C TYR B 221 15.88 1.94 -21.99
N PHE B 222 15.80 2.08 -23.30
CA PHE B 222 16.40 1.11 -24.24
C PHE B 222 17.18 1.92 -25.30
N ALA B 223 18.34 1.54 -25.86
CA ALA B 223 19.02 2.39 -26.86
C ALA B 223 18.18 2.58 -28.13
N PRO B 224 17.87 3.76 -28.67
CA PRO B 224 16.98 3.90 -29.82
C PRO B 224 17.57 3.24 -31.08
N SER B 225 16.75 2.90 -32.08
CA SER B 225 17.26 2.18 -33.23
C SER B 225 18.04 3.11 -34.15
N SER B 226 17.92 4.43 -33.97
CA SER B 226 18.66 5.35 -34.79
C SER B 226 20.16 5.36 -34.50
N LEU B 227 20.68 4.68 -33.49
CA LEU B 227 22.09 4.65 -33.20
C LEU B 227 22.77 3.63 -34.07
N PHE B 228 22.01 2.82 -34.83
CA PHE B 228 22.54 1.64 -35.51
C PHE B 228 22.48 1.75 -37.04
N ASP B 229 23.31 0.99 -37.75
CA ASP B 229 23.26 0.93 -39.21
C ASP B 229 22.51 -0.35 -39.61
N LEU B 230 21.26 -0.12 -39.95
CA LEU B 230 20.31 -1.19 -40.20
C LEU B 230 20.17 -1.72 -41.67
N ASN B 231 21.18 -2.50 -42.06
CA ASN B 231 21.21 -3.21 -43.33
C ASN B 231 22.27 -4.31 -43.31
N PHE B 232 22.22 -5.32 -44.17
CA PHE B 232 23.21 -6.37 -44.06
C PHE B 232 24.60 -5.95 -44.51
N GLN B 233 24.82 -4.85 -45.25
CA GLN B 233 26.21 -4.47 -45.50
C GLN B 233 26.90 -3.98 -44.23
N ALA B 234 26.33 -3.04 -43.49
CA ALA B 234 26.86 -2.66 -42.18
C ALA B 234 26.90 -3.71 -41.08
N GLY B 235 26.01 -4.72 -41.12
CA GLY B 235 25.94 -5.77 -40.11
C GLY B 235 24.98 -5.41 -38.96
N PHE B 236 24.09 -4.38 -39.04
CA PHE B 236 23.16 -3.99 -37.95
C PHE B 236 23.92 -3.62 -36.65
N LEU B 237 25.02 -2.87 -36.88
CA LEU B 237 25.95 -2.52 -35.81
C LEU B 237 25.83 -1.06 -35.51
N LEU B 238 26.19 -0.68 -34.29
CA LEU B 238 26.22 0.76 -33.91
C LEU B 238 27.02 1.65 -34.86
N LYS B 239 26.50 2.79 -35.29
CA LYS B 239 27.16 3.79 -36.14
C LYS B 239 28.57 4.15 -35.69
N LYS B 240 29.51 4.43 -36.62
CA LYS B 240 30.91 4.68 -36.20
C LYS B 240 31.06 5.92 -35.33
N GLU B 241 30.26 6.95 -35.56
CA GLU B 241 30.29 8.12 -34.71
C GLU B 241 29.88 7.76 -33.27
N VAL B 242 28.83 6.91 -33.11
CA VAL B 242 28.30 6.56 -31.82
C VAL B 242 29.33 5.75 -31.08
N GLN B 243 30.01 4.88 -31.81
CA GLN B 243 31.10 4.11 -31.22
C GLN B 243 32.21 4.98 -30.61
N GLU B 244 32.52 6.07 -31.30
CA GLU B 244 33.53 7.03 -30.91
C GLU B 244 33.09 7.78 -29.67
N GLU B 245 31.90 8.39 -29.66
CA GLU B 245 31.44 9.10 -28.47
C GLU B 245 31.45 8.23 -27.20
N GLN B 246 30.94 7.01 -27.39
CA GLN B 246 30.80 6.06 -26.32
C GLN B 246 32.12 5.71 -25.68
N LYS B 247 33.26 5.89 -26.35
CA LYS B 247 34.56 5.59 -25.76
C LYS B 247 34.87 6.31 -24.44
N LYS B 248 34.28 7.49 -24.28
CA LYS B 248 34.48 8.32 -23.10
C LYS B 248 33.58 7.96 -21.94
N ASN B 249 32.61 7.07 -22.13
CA ASN B 249 31.66 6.66 -21.10
C ASN B 249 32.08 5.47 -20.32
N LYS B 250 31.86 5.67 -19.04
CA LYS B 250 32.15 4.62 -18.09
C LYS B 250 31.18 3.41 -18.19
N PHE B 251 29.91 3.72 -18.47
CA PHE B 251 28.84 2.74 -18.48
C PHE B 251 28.35 2.40 -19.91
N GLY B 252 27.82 1.16 -19.93
CA GLY B 252 27.16 0.59 -21.09
C GLY B 252 25.87 1.35 -21.31
N LEU B 253 25.21 1.15 -22.45
CA LEU B 253 23.94 1.84 -22.71
C LEU B 253 22.80 1.12 -22.00
N SER B 254 22.94 -0.19 -21.68
CA SER B 254 21.85 -0.91 -21.04
C SER B 254 22.35 -2.29 -20.76
N VAL B 255 21.46 -3.23 -20.38
CA VAL B 255 21.88 -4.60 -20.04
C VAL B 255 22.39 -5.40 -21.25
N GLY B 256 21.64 -5.45 -22.38
CA GLY B 256 22.12 -6.21 -23.52
C GLY B 256 23.23 -5.45 -24.25
N HIS B 257 23.22 -4.10 -24.16
CA HIS B 257 24.17 -3.22 -24.79
C HIS B 257 25.18 -2.64 -23.77
N HIS B 258 25.72 -3.55 -22.96
CA HIS B 258 26.73 -3.28 -21.94
C HIS B 258 28.08 -2.86 -22.54
N LEU B 259 28.36 -3.37 -23.76
CA LEU B 259 29.56 -3.04 -24.54
C LEU B 259 30.86 -3.42 -23.83
N GLY B 260 31.04 -4.47 -23.05
CA GLY B 260 32.28 -4.71 -22.33
C GLY B 260 32.52 -3.82 -21.09
N LYS B 261 31.71 -2.80 -20.85
CA LYS B 261 31.79 -1.91 -19.70
C LYS B 261 30.82 -2.26 -18.58
N SER B 262 30.67 -1.40 -17.58
CA SER B 262 29.73 -1.55 -16.48
C SER B 262 28.26 -1.43 -16.86
N ILE B 263 27.32 -2.28 -16.36
CA ILE B 263 25.89 -2.15 -16.76
C ILE B 263 25.27 -0.97 -15.99
N PRO B 264 24.57 0.02 -16.57
CA PRO B 264 24.29 1.27 -15.90
C PRO B 264 23.74 1.31 -14.48
N ALA B 265 22.83 0.39 -14.03
CA ALA B 265 22.31 0.26 -12.64
C ALA B 265 20.79 0.37 -12.58
N ASP B 266 20.21 -0.82 -12.28
CA ASP B 266 18.78 -1.08 -12.33
C ASP B 266 18.15 -0.61 -13.58
N ASN B 267 18.79 -0.87 -14.74
CA ASN B 267 18.32 -0.43 -16.06
C ASN B 267 16.92 -0.95 -16.42
N GLN B 268 16.66 -2.18 -15.96
CA GLN B 268 15.44 -2.91 -16.29
C GLN B 268 14.36 -2.85 -15.20
N ILE B 269 14.68 -2.29 -14.02
CA ILE B 269 13.79 -2.19 -12.87
C ILE B 269 13.40 -0.73 -12.56
N LYS B 270 14.18 0.33 -12.88
CA LYS B 270 13.82 1.72 -12.62
C LYS B 270 13.91 2.60 -13.84
N ALA B 271 12.92 3.44 -14.09
CA ALA B 271 12.89 4.33 -15.22
C ALA B 271 13.88 5.50 -15.20
N ARG B 272 14.13 5.94 -16.46
CA ARG B 272 14.95 7.09 -16.87
C ARG B 272 16.48 6.99 -16.72
N LYS B 273 17.18 7.73 -17.62
CA LYS B 273 18.65 7.65 -17.84
C LYS B 273 19.53 8.90 -17.56
PA FAD C . 12.50 -1.99 14.61
O1A FAD C . 13.24 -0.78 14.24
O2A FAD C . 12.99 -2.90 15.67
O5B FAD C . 12.39 -3.00 13.34
C5B FAD C . 11.54 -2.79 12.20
C4B FAD C . 12.23 -3.24 10.93
O4B FAD C . 11.87 -2.22 9.96
C3B FAD C . 13.74 -3.13 11.04
O3B FAD C . 14.39 -4.19 10.38
C2B FAD C . 14.15 -1.82 10.37
O2B FAD C . 15.45 -2.00 9.75
C1B FAD C . 13.07 -1.72 9.35
N9A FAD C . 12.92 -0.37 8.80
C8A FAD C . 13.03 0.82 9.41
N7A FAD C . 12.69 1.82 8.56
C5A FAD C . 12.41 1.20 7.43
C6A FAD C . 11.90 1.80 6.31
N6A FAD C . 11.93 3.12 6.15
N1A FAD C . 11.51 0.98 5.31
C2A FAD C . 11.63 -0.36 5.39
N3A FAD C . 12.14 -0.92 6.49
C4A FAD C . 12.53 -0.16 7.54
N1 FAD C . 5.38 -6.99 21.30
C2 FAD C . 4.08 -7.50 21.34
O2 FAD C . 3.56 -8.03 20.35
N3 FAD C . 3.48 -7.40 22.59
C4 FAD C . 4.01 -6.72 23.72
O4 FAD C . 3.28 -6.50 24.68
C4X FAD C . 5.38 -6.29 23.56
N5 FAD C . 5.94 -5.80 24.71
C5X FAD C . 7.23 -5.30 24.62
C6 FAD C . 7.78 -4.71 25.75
C7 FAD C . 8.95 -3.98 25.62
C7M FAD C . 9.33 -2.92 26.67
C8 FAD C . 9.68 -4.02 24.42
C8M FAD C . 11.07 -3.30 24.25
C9 FAD C . 9.17 -4.71 23.32
C9A FAD C . 7.92 -5.29 23.40
N10 FAD C . 7.35 -5.80 22.23
C10 FAD C . 6.09 -6.35 22.34
C1' FAD C . 8.01 -5.82 21.06
C2' FAD C . 7.44 -4.95 19.92
O2' FAD C . 6.34 -4.07 20.19
C3' FAD C . 8.46 -4.39 18.95
O3' FAD C . 9.83 -4.48 19.25
C4' FAD C . 8.05 -3.73 17.64
O4' FAD C . 7.02 -2.79 17.86
C5' FAD C . 9.23 -3.16 16.79
O5' FAD C . 8.96 -1.90 16.14
P FAD C . 10.15 -0.80 16.02
O1P FAD C . 9.52 0.44 15.48
O2P FAD C . 10.86 -0.70 17.31
O3P FAD C . 11.01 -1.49 14.90
C1 CBD D . 8.48 -22.47 17.44
SA CBD D . 8.65 -22.36 15.70
O1A CBD D . 7.31 -22.42 15.04
O2A CBD D . 9.49 -23.53 15.42
O3A CBD D . 9.16 -20.98 15.53
C2 CBD D . 8.30 -23.73 18.05
N2 CBD D . 8.43 -24.98 17.20
C3 CBD D . 7.82 -23.75 19.37
C4 CBD D . 7.51 -24.99 20.07
O4 CBD D . 7.50 -26.00 19.37
C5 CBD D . 7.23 -25.13 21.49
C6 CBD D . 7.01 -26.37 22.14
C7 CBD D . 6.69 -26.38 23.51
C8 CBD D . 6.59 -25.19 24.23
C9 CBD D . 6.81 -23.96 23.61
C10 CBD D . 7.12 -23.94 22.23
C11 CBD D . 7.44 -22.71 21.53
O11 CBD D . 7.21 -21.68 22.12
C12 CBD D . 7.78 -22.55 20.12
C13 CBD D . 7.90 -21.29 19.44
C14 CBD D . 8.22 -21.25 18.08
NB CBD D . 7.78 -20.00 20.15
CB1 CBD D . 9.82 -17.14 18.75
SB CBD D . 11.47 -16.84 18.16
O1B CBD D . 11.29 -16.08 16.86
O2B CBD D . 12.07 -18.18 17.92
O3B CBD D . 12.27 -16.10 19.19
CB2 CBD D . 8.77 -16.19 18.62
CB3 CBD D . 7.46 -16.50 18.99
CB4 CBD D . 7.13 -17.75 19.48
CB5 CBD D . 8.14 -18.70 19.63
CB6 CBD D . 9.49 -18.41 19.28
NC CBD D . 9.19 -14.93 18.02
NC1 CBD D . 7.59 -13.54 19.28
CC2 CBD D . 7.14 -12.33 19.68
CL CBD D . 5.65 -12.23 20.77
NC3 CBD D . 7.84 -11.23 19.22
CC4 CBD D . 8.93 -11.32 18.43
NC5 CBD D . 9.36 -12.54 18.07
CC6 CBD D . 8.68 -13.64 18.49
ND CBD D . 9.62 -10.13 17.96
CD1 CBD D . 11.76 -9.13 17.38
SD CBD D . 11.49 -8.08 18.81
O1D CBD D . 11.47 -8.93 20.06
O2D CBD D . 10.23 -7.34 18.53
O3D CBD D . 12.64 -7.18 19.16
CD2 CBD D . 10.80 -10.16 17.12
CD3 CBD D . 11.01 -11.06 16.03
CD4 CBD D . 12.15 -10.94 15.22
CD5 CBD D . 13.10 -9.90 15.47
CD6 CBD D . 12.91 -9.00 16.52
C1 DQN E . 6.82 -9.18 24.46
O1 DQN E . 8.04 -8.87 24.33
C2 DQN E . 6.28 -9.05 25.78
C2M DQN E . 7.16 -8.42 26.80
C3 DQN E . 4.93 -9.41 25.94
C3M DQN E . 4.02 -9.20 27.13
C4 DQN E . 4.25 -9.95 24.82
O4 DQN E . 3.08 -10.38 25.01
C5 DQN E . 4.79 -10.10 23.49
C5M DQN E . 3.81 -10.51 22.40
C6 DQN E . 6.09 -9.67 23.30
C6M DQN E . 6.73 -9.58 21.94
PA FAD F . 0.29 -19.22 -3.68
O1A FAD F . -1.14 -19.05 -4.01
O2A FAD F . 0.86 -20.56 -3.54
O5B FAD F . 0.65 -18.46 -2.27
C5B FAD F . 0.36 -17.10 -1.97
C4B FAD F . -0.17 -16.92 -0.57
O4B FAD F . -1.11 -15.86 -0.74
C3B FAD F . -1.04 -18.08 -0.12
O3B FAD F . -0.74 -18.46 1.22
C2B FAD F . -2.49 -17.65 -0.16
O2B FAD F . -3.10 -18.22 1.02
C1B FAD F . -2.33 -16.16 -0.06
N9A FAD F . -3.45 -15.37 -0.60
C8A FAD F . -4.12 -15.53 -1.74
N7A FAD F . -4.94 -14.48 -1.94
C5A FAD F . -4.79 -13.72 -0.89
C6A FAD F . -5.35 -12.48 -0.71
N6A FAD F . -6.47 -12.16 -1.33
N1A FAD F . -4.88 -11.74 0.33
C2A FAD F . -3.95 -12.22 1.17
N3A FAD F . -3.42 -13.43 1.00
C4A FAD F . -3.82 -14.21 -0.04
N1 FAD F . 10.56 -19.26 -7.70
C2 FAD F . 11.64 -18.42 -7.93
O2 FAD F . 11.89 -17.46 -7.21
N3 FAD F . 12.40 -18.77 -9.06
C4 FAD F . 12.01 -19.70 -10.04
O4 FAD F . 12.65 -19.70 -11.09
C4X FAD F . 10.86 -20.54 -9.64
N5 FAD F . 10.62 -21.62 -10.45
C5X FAD F . 9.52 -22.42 -10.17
C6 FAD F . 9.20 -23.40 -11.06
C7 FAD F . 8.00 -24.06 -10.97
C7M FAD F . 7.61 -25.01 -12.08
C8 FAD F . 7.14 -23.83 -9.90
C8M FAD F . 5.81 -24.60 -9.75
C9 FAD F . 7.50 -22.89 -8.95
C9A FAD F . 8.67 -22.15 -9.09
N10 FAD F . 8.90 -21.05 -8.27
C10 FAD F . 10.05 -20.29 -8.52
C1' FAD F . 8.08 -20.80 -7.22
C2' FAD F . 7.37 -19.43 -7.18
O2' FAD F . 7.38 -18.53 -8.27
C3' FAD F . 6.04 -19.35 -6.46
O3' FAD F . 5.50 -20.53 -5.94
C4' FAD F . 5.29 -18.06 -6.27
O4' FAD F . 5.35 -17.16 -7.37
C5' FAD F . 3.88 -18.36 -5.76
O5' FAD F . 2.84 -17.47 -6.15
P FAD F . 1.33 -18.05 -6.25
O1P FAD F . 0.47 -16.95 -6.73
O2P FAD F . 1.34 -19.35 -6.96
O3P FAD F . 1.10 -18.28 -4.71
C1 CBD G . 18.71 -22.36 5.98
SA CBD G . 17.83 -21.41 7.18
O1A CBD G . 18.51 -20.09 7.29
O2A CBD G . 17.88 -22.21 8.41
O3A CBD G . 16.54 -21.13 6.50
C2 CBD G . 19.93 -22.98 6.34
N2 CBD G . 20.35 -22.81 7.81
C3 CBD G . 20.74 -23.48 5.28
C4 CBD G . 22.07 -24.06 5.49
O4 CBD G . 22.50 -24.01 6.66
C5 CBD G . 22.88 -24.76 4.48
C6 CBD G . 24.13 -25.35 4.75
C7 CBD G . 24.85 -25.92 3.67
C8 CBD G . 24.37 -25.88 2.35
C9 CBD G . 23.15 -25.29 2.09
C10 CBD G . 22.41 -24.73 3.15
C11 CBD G . 21.08 -24.20 2.97
O11 CBD G . 20.74 -24.14 1.80
C12 CBD G . 20.22 -23.55 3.97
C13 CBD G . 19.02 -22.85 3.64
C14 CBD G . 18.27 -22.23 4.65
NB CBD G . 18.44 -22.88 2.28
CB1 CBD G . 14.64 -22.97 2.27
SB CBD G . 13.26 -23.62 3.17
O1B CBD G . 12.32 -22.48 3.51
O2B CBD G . 13.85 -24.40 4.27
O3B CBD G . 12.68 -24.58 2.15
CB2 CBD G . 14.38 -22.06 1.22
CB3 CBD G . 15.47 -21.48 0.54
CB4 CBD G . 16.77 -21.78 0.88
CB5 CBD G . 17.03 -22.70 1.92
CB6 CBD G . 15.97 -23.32 2.62
NC CBD G . 12.96 -21.80 0.98
NC1 CBD G . 13.33 -20.95 -1.34
CC2 CBD G . 12.89 -20.52 -2.57
CL CBD G . 14.15 -20.20 -3.93
NC3 CBD G . 11.52 -20.48 -2.70
CC4 CBD G . 10.66 -20.85 -1.70
NC5 CBD G . 11.15 -21.27 -0.52
CC6 CBD G . 12.48 -21.32 -0.33
ND CBD G . 9.19 -20.86 -1.87
CD1 CBD G . 7.05 -21.85 -1.30
SD CBD G . 6.92 -22.31 -3.03
O1D CBD G . 7.84 -23.48 -3.24
O2D CBD G . 7.17 -21.05 -3.80
O3D CBD G . 5.56 -22.82 -3.38
CD2 CBD G . 8.21 -21.20 -0.83
CD3 CBD G . 8.30 -20.85 0.55
CD4 CBD G . 7.28 -21.16 1.43
CD5 CBD G . 6.12 -21.82 1.00
CD6 CBD G . 5.99 -22.16 -0.34
C1 DQN H . 12.78 -22.53 -7.86
O1 DQN H . 11.87 -23.32 -7.47
C2 DQN H . 13.49 -22.91 -9.04
C2M DQN H . 12.97 -24.12 -9.73
C3 DQN H . 14.52 -22.06 -9.46
C3M DQN H . 15.31 -22.19 -10.75
C4 DQN H . 14.82 -20.91 -8.62
O4 DQN H . 15.82 -20.18 -8.88
C5 DQN H . 14.09 -20.53 -7.43
C5M DQN H . 14.50 -19.18 -6.83
C6 DQN H . 13.02 -21.35 -7.06
C6M DQN H . 12.04 -21.06 -5.94
#